data_9C68
#
_entry.id   9C68
#
_cell.length_a   85.925
_cell.length_b   85.925
_cell.length_c   188.721
_cell.angle_alpha   90.00
_cell.angle_beta   90.00
_cell.angle_gamma   120.00
#
_symmetry.space_group_name_H-M   'P 62 2 2'
#
loop_
_entity.id
_entity.type
_entity.pdbx_description
1 polymer 'Adenosine deaminase domain-containing protein'
2 polymer "RNA (5'-R(P*AP*AP*AP*AP*AP*A)-3')"
3 water water
#
loop_
_entity_poly.entity_id
_entity_poly.type
_entity_poly.pdbx_seq_one_letter_code
_entity_poly.pdbx_strand_id
1 'polypeptide(L)'
;MSRVLLCSAGHSSMVVPEAFHAVPEGFEEVHVFTTDSEKFNPVVLNDFFHSLPNVRFSITKCHGLADILNERDFEFYQEM
LWQWYLTKMPDNELPYVCLSGGIKSMSASLQKAATLFGAQSVFHVLADNNPRNIEEMFDALQKGQIHFIEMGYEPGWAAL
RRLKKILPINEGCSRDNFKPLISKS
;
A,B
2 'polyribonucleotide' AAAAAA C
#
loop_
_chem_comp.id
_chem_comp.type
_chem_comp.name
_chem_comp.formula
A RNA linking ADENOSINE-5'-MONOPHOSPHATE 'C10 H14 N5 O7 P'
#
# COMPACT_ATOMS: atom_id res chain seq x y z
N SER A 2 7.74 19.19 15.88
CA SER A 2 7.32 18.17 16.84
C SER A 2 5.83 17.98 16.70
N ARG A 3 5.35 16.75 16.88
CA ARG A 3 3.95 16.36 16.63
C ARG A 3 3.55 16.68 15.18
N VAL A 4 4.12 15.88 14.28
CA VAL A 4 4.12 16.13 12.84
C VAL A 4 3.44 14.96 12.15
N LEU A 5 2.42 15.26 11.34
CA LEU A 5 1.70 14.29 10.52
C LEU A 5 2.18 14.42 9.08
N LEU A 6 2.66 13.31 8.53
CA LEU A 6 3.01 13.17 7.11
C LEU A 6 1.91 12.37 6.42
N CYS A 7 1.35 12.93 5.34
CA CYS A 7 0.18 12.30 4.72
C CYS A 7 0.38 12.26 3.22
N SER A 8 0.22 11.07 2.63
CA SER A 8 0.14 10.98 1.18
C SER A 8 -1.31 11.22 0.74
N ALA A 9 -1.46 11.95 -0.35
CA ALA A 9 -2.79 12.27 -0.87
C ALA A 9 -2.94 11.78 -2.30
N GLY A 10 -4.16 11.36 -2.65
CA GLY A 10 -4.51 11.09 -4.02
C GLY A 10 -5.62 12.02 -4.47
N HIS A 11 -6.67 11.48 -5.04
CA HIS A 11 -7.74 12.35 -5.49
C HIS A 11 -8.85 12.51 -4.46
N SER A 12 -8.66 12.02 -3.25
CA SER A 12 -9.64 12.17 -2.16
C SER A 12 -8.94 12.94 -1.03
N SER A 13 -8.92 14.26 -1.15
CA SER A 13 -8.28 15.12 -0.16
C SER A 13 -8.83 14.90 1.23
N MET A 14 -9.96 14.23 1.37
CA MET A 14 -10.55 14.30 2.68
C MET A 14 -9.96 13.26 3.61
N VAL A 15 -9.08 12.38 3.11
CA VAL A 15 -8.29 11.52 4.01
C VAL A 15 -7.42 12.37 4.93
N VAL A 16 -7.02 13.56 4.51
CA VAL A 16 -6.09 14.33 5.32
C VAL A 16 -6.75 14.89 6.58
N PRO A 17 -7.91 15.59 6.51
CA PRO A 17 -8.53 16.06 7.76
C PRO A 17 -9.04 14.95 8.67
N GLU A 18 -9.39 13.80 8.10
CA GLU A 18 -9.72 12.64 8.94
C GLU A 18 -8.44 12.22 9.65
N ALA A 19 -7.32 12.19 8.93
CA ALA A 19 -6.02 11.83 9.52
C ALA A 19 -5.71 12.73 10.71
N PHE A 20 -5.88 14.04 10.51
CA PHE A 20 -5.71 15.02 11.58
C PHE A 20 -6.49 14.67 12.83
N HIS A 21 -7.62 13.97 12.68
CA HIS A 21 -8.44 13.60 13.82
C HIS A 21 -8.14 12.19 14.32
N ALA A 22 -6.98 11.63 13.95
CA ALA A 22 -6.60 10.37 14.55
C ALA A 22 -6.33 10.50 16.03
N VAL A 23 -6.08 11.72 16.51
CA VAL A 23 -5.90 11.97 17.94
C VAL A 23 -6.64 13.25 18.31
N PRO A 24 -7.25 13.31 19.52
CA PRO A 24 -7.97 14.50 19.96
C PRO A 24 -7.14 15.78 19.85
N GLU A 25 -5.84 15.68 20.10
CA GLU A 25 -4.97 16.88 20.12
C GLU A 25 -4.64 17.32 18.70
N GLY A 26 -4.81 16.42 17.74
CA GLY A 26 -4.41 16.75 16.37
C GLY A 26 -2.90 16.84 16.23
N PHE A 27 -2.42 17.73 15.37
CA PHE A 27 -1.00 17.78 15.11
C PHE A 27 -0.56 19.22 14.96
N GLU A 28 0.70 19.48 15.33
CA GLU A 28 1.23 20.83 15.23
C GLU A 28 1.73 21.16 13.84
N GLU A 29 1.98 20.15 13.01
CA GLU A 29 2.25 20.34 11.58
C GLU A 29 1.54 19.27 10.78
N VAL A 30 1.09 19.61 9.58
CA VAL A 30 0.56 18.65 8.62
C VAL A 30 1.24 18.88 7.28
N HIS A 31 1.82 17.83 6.71
CA HIS A 31 2.56 17.89 5.45
C HIS A 31 2.03 16.82 4.52
N VAL A 32 1.57 17.26 3.35
CA VAL A 32 0.95 16.38 2.36
C VAL A 32 1.88 16.25 1.16
N PHE A 33 1.97 15.03 0.63
CA PHE A 33 2.68 14.75 -0.62
C PHE A 33 1.72 14.06 -1.57
N THR A 34 1.65 14.56 -2.80
CA THR A 34 0.77 13.99 -3.81
C THR A 34 1.40 14.18 -5.19
N THR A 35 0.79 13.53 -6.18
CA THR A 35 1.25 13.70 -7.54
C THR A 35 0.85 15.09 -8.06
N ASP A 36 1.18 15.35 -9.32
CA ASP A 36 0.89 16.63 -9.96
C ASP A 36 -0.33 16.52 -10.86
N SER A 37 -1.35 15.72 -10.54
CA SER A 37 -2.50 15.65 -11.44
C SER A 37 -3.53 16.71 -11.07
N GLU A 38 -4.37 17.03 -12.06
CA GLU A 38 -5.43 18.02 -11.85
C GLU A 38 -6.47 17.54 -10.84
N LYS A 39 -6.75 16.23 -10.82
CA LYS A 39 -7.83 15.76 -9.93
C LYS A 39 -7.48 15.81 -8.46
N PHE A 40 -6.33 16.39 -8.10
CA PHE A 40 -6.04 16.71 -6.71
C PHE A 40 -6.61 18.09 -6.44
N ASN A 41 -7.53 18.18 -5.48
CA ASN A 41 -8.10 19.47 -5.10
C ASN A 41 -7.60 19.89 -3.72
N PRO A 42 -6.79 20.94 -3.64
CA PRO A 42 -6.31 21.42 -2.34
C PRO A 42 -7.32 22.25 -1.55
N VAL A 43 -8.51 22.53 -2.10
CA VAL A 43 -9.33 23.59 -1.51
C VAL A 43 -9.87 23.17 -0.16
N VAL A 44 -10.42 21.95 -0.02
CA VAL A 44 -10.91 21.56 1.30
C VAL A 44 -9.75 21.55 2.30
N LEU A 45 -8.54 21.28 1.85
CA LEU A 45 -7.39 21.28 2.76
C LEU A 45 -7.01 22.69 3.15
N ASN A 46 -6.96 23.59 2.18
CA ASN A 46 -6.63 24.97 2.49
C ASN A 46 -7.68 25.59 3.41
N ASP A 47 -8.98 25.32 3.14
CA ASP A 47 -10.02 25.92 3.97
C ASP A 47 -9.97 25.38 5.40
N PHE A 48 -9.89 24.05 5.54
CA PHE A 48 -9.71 23.41 6.84
C PHE A 48 -8.57 24.02 7.66
N PHE A 49 -7.40 24.14 7.06
CA PHE A 49 -6.26 24.47 7.92
C PHE A 49 -6.13 25.98 8.11
N HIS A 50 -6.79 26.78 7.28
CA HIS A 50 -6.93 28.21 7.59
C HIS A 50 -7.66 28.42 8.90
N SER A 51 -8.59 27.53 9.24
CA SER A 51 -9.30 27.62 10.51
C SER A 51 -8.47 27.15 11.69
N LEU A 52 -7.26 26.61 11.44
CA LEU A 52 -6.34 26.18 12.49
C LEU A 52 -5.02 26.88 12.29
N PRO A 53 -4.92 28.16 12.67
CA PRO A 53 -3.75 28.97 12.27
C PRO A 53 -2.46 28.56 12.92
N ASN A 54 -2.46 27.87 14.06
CA ASN A 54 -1.17 27.53 14.63
C ASN A 54 -0.75 26.11 14.27
N VAL A 55 -1.42 25.49 13.28
CA VAL A 55 -0.90 24.32 12.61
C VAL A 55 -0.12 24.78 11.38
N ARG A 56 1.11 24.31 11.21
CA ARG A 56 1.83 24.58 9.97
C ARG A 56 1.48 23.50 8.95
N PHE A 57 0.97 23.94 7.80
CA PHE A 57 0.43 23.06 6.78
C PHE A 57 1.12 23.34 5.47
N SER A 58 1.45 22.29 4.72
CA SER A 58 2.05 22.48 3.41
C SER A 58 1.63 21.34 2.49
N ILE A 59 1.59 21.63 1.21
CA ILE A 59 1.32 20.63 0.18
C ILE A 59 2.54 20.62 -0.74
N THR A 60 3.04 19.43 -1.05
CA THR A 60 4.16 19.24 -1.97
C THR A 60 3.76 18.26 -3.05
N LYS A 61 3.92 18.66 -4.30
CA LYS A 61 3.61 17.80 -5.40
C LYS A 61 4.89 17.28 -6.02
N CYS A 62 4.76 16.14 -6.70
CA CYS A 62 5.85 15.56 -7.48
C CYS A 62 5.84 16.22 -8.85
N HIS A 63 6.47 17.41 -8.92
CA HIS A 63 6.37 18.26 -10.10
C HIS A 63 6.74 17.50 -11.37
N GLY A 64 5.84 17.54 -12.35
CA GLY A 64 6.03 16.87 -13.62
C GLY A 64 5.38 15.50 -13.73
N LEU A 65 4.95 14.91 -12.62
CA LEU A 65 4.46 13.54 -12.63
C LEU A 65 3.03 13.51 -12.12
N ALA A 66 2.12 13.01 -12.95
CA ALA A 66 0.72 12.99 -12.59
C ALA A 66 0.16 11.60 -12.29
N ASP A 67 0.66 10.54 -12.94
CA ASP A 67 -0.03 9.24 -12.88
C ASP A 67 0.77 8.03 -12.37
N ILE A 68 2.10 8.01 -12.51
CA ILE A 68 2.89 6.80 -12.22
C ILE A 68 2.37 5.61 -13.01
N LEU A 69 3.05 5.30 -14.12
CA LEU A 69 2.74 4.15 -14.94
C LEU A 69 3.98 3.32 -15.28
N ASN A 70 5.18 3.81 -14.97
CA ASN A 70 6.44 3.17 -15.29
C ASN A 70 7.27 2.98 -14.03
N GLU A 71 8.24 2.07 -14.12
CA GLU A 71 9.36 2.01 -13.19
C GLU A 71 10.03 3.37 -13.15
N ASP A 73 8.84 6.28 -8.13
CA ASP A 73 8.56 5.00 -8.76
C ASP A 73 8.05 5.13 -10.18
N PHE A 74 7.99 6.33 -10.76
CA PHE A 74 7.87 6.51 -12.21
C PHE A 74 9.18 7.06 -12.74
N GLU A 75 10.29 6.49 -12.25
CA GLU A 75 11.62 7.09 -12.33
C GLU A 75 11.72 8.40 -11.54
N PHE A 76 10.99 8.53 -10.40
CA PHE A 76 10.85 9.88 -9.85
C PHE A 76 10.08 9.97 -8.53
N TYR A 77 8.90 9.34 -8.45
CA TYR A 77 8.03 9.54 -7.28
C TYR A 77 8.73 9.21 -5.97
N GLN A 78 9.35 8.02 -5.88
CA GLN A 78 10.01 7.56 -4.66
C GLN A 78 11.09 8.52 -4.20
N GLU A 79 11.91 9.02 -5.12
CA GLU A 79 13.00 9.91 -4.69
C GLU A 79 12.46 11.22 -4.14
N MET A 80 11.41 11.76 -4.74
CA MET A 80 10.84 13.00 -4.22
C MET A 80 10.17 12.73 -2.87
N LEU A 81 9.42 11.62 -2.77
CA LEU A 81 8.80 11.23 -1.52
C LEU A 81 9.83 11.13 -0.39
N TRP A 82 10.94 10.42 -0.64
CA TRP A 82 11.93 10.24 0.42
C TRP A 82 12.64 11.54 0.74
N GLN A 83 12.94 12.34 -0.28
CA GLN A 83 13.46 13.69 -0.05
C GLN A 83 12.52 14.50 0.83
N TRP A 84 11.24 14.51 0.45
CA TRP A 84 10.22 15.26 1.20
C TRP A 84 10.11 14.76 2.64
N TYR A 85 10.14 13.46 2.85
CA TYR A 85 9.98 12.92 4.20
C TYR A 85 11.08 13.43 5.11
N LEU A 86 12.32 13.41 4.64
CA LEU A 86 13.45 13.80 5.47
C LEU A 86 13.37 15.27 5.83
N THR A 87 12.97 16.12 4.88
CA THR A 87 12.99 17.54 5.20
C THR A 87 11.81 17.94 6.07
N LYS A 88 10.70 17.21 6.00
CA LYS A 88 9.50 17.58 6.73
C LYS A 88 9.46 16.95 8.10
N MET A 89 10.12 15.81 8.26
CA MET A 89 10.11 15.11 9.52
C MET A 89 10.78 15.93 10.61
N PRO A 90 10.35 15.77 11.86
CA PRO A 90 11.00 16.51 12.96
C PRO A 90 12.43 16.03 13.12
N ASP A 91 13.30 16.93 13.56
CA ASP A 91 14.70 16.50 13.65
C ASP A 91 15.05 15.81 14.97
N ASN A 92 14.21 15.87 15.99
CA ASN A 92 14.56 15.17 17.22
C ASN A 92 13.41 14.32 17.75
N GLU A 93 12.53 13.87 16.85
CA GLU A 93 11.36 13.06 17.19
C GLU A 93 10.82 12.47 15.89
N LEU A 94 10.10 11.37 16.00
CA LEU A 94 9.63 10.78 14.75
C LEU A 94 8.22 11.31 14.39
N PRO A 95 7.95 11.41 13.09
CA PRO A 95 6.63 11.87 12.62
C PRO A 95 5.57 10.78 12.72
N TYR A 96 4.31 11.20 12.59
CA TYR A 96 3.19 10.30 12.44
C TYR A 96 2.87 10.24 10.95
N VAL A 97 2.50 9.08 10.45
CA VAL A 97 2.41 8.85 9.01
C VAL A 97 1.06 8.22 8.62
N CYS A 98 0.30 8.92 7.79
CA CYS A 98 -0.94 8.36 7.23
C CYS A 98 -0.72 8.05 5.76
N LEU A 99 -0.75 6.78 5.40
CA LEU A 99 -0.47 6.37 4.02
C LEU A 99 -1.74 6.13 3.20
N SER A 100 -2.85 6.80 3.56
CA SER A 100 -4.16 6.46 3.00
C SER A 100 -4.30 6.83 1.51
N GLY A 101 -3.78 7.96 1.09
CA GLY A 101 -4.13 8.49 -0.22
C GLY A 101 -3.19 8.01 -1.31
N GLY A 102 -3.72 7.95 -2.53
CA GLY A 102 -2.94 7.66 -3.73
C GLY A 102 -3.18 6.26 -4.29
N ILE A 103 -2.46 5.95 -5.36
CA ILE A 103 -2.49 4.59 -5.90
C ILE A 103 -1.72 3.71 -4.91
N LYS A 104 -1.81 2.39 -5.06
CA LYS A 104 -1.17 1.50 -4.09
C LYS A 104 0.32 1.78 -4.01
N SER A 105 0.98 2.00 -5.16
CA SER A 105 2.42 2.25 -5.16
C SER A 105 2.79 3.45 -4.30
N MET A 106 1.96 4.50 -4.28
CA MET A 106 2.37 5.62 -3.43
C MET A 106 2.14 5.33 -1.95
N SER A 107 1.10 4.56 -1.61
CA SER A 107 0.92 4.13 -0.22
C SER A 107 2.07 3.20 0.21
N ALA A 108 2.39 2.22 -0.64
CA ALA A 108 3.49 1.29 -0.37
C ALA A 108 4.83 2.02 -0.20
N SER A 109 5.07 3.05 -1.00
CA SER A 109 6.32 3.79 -0.93
C SER A 109 6.43 4.59 0.38
N LEU A 110 5.32 5.17 0.83
CA LEU A 110 5.35 5.86 2.13
C LEU A 110 5.57 4.86 3.27
N GLN A 111 4.93 3.70 3.23
CA GLN A 111 5.25 2.66 4.21
C GLN A 111 6.75 2.40 4.23
N LYS A 112 7.37 2.26 3.05
CA LYS A 112 8.79 1.98 3.00
C LYS A 112 9.61 3.12 3.56
N ALA A 113 9.21 4.36 3.28
CA ALA A 113 9.92 5.50 3.86
C ALA A 113 9.83 5.48 5.38
N ALA A 114 8.63 5.20 5.91
CA ALA A 114 8.44 5.08 7.36
C ALA A 114 9.40 4.03 7.94
N THR A 115 9.48 2.88 7.27
CA THR A 115 10.32 1.79 7.74
C THR A 115 11.80 2.21 7.73
N LEU A 116 12.23 2.99 6.73
CA LEU A 116 13.64 3.43 6.66
C LEU A 116 13.95 4.61 7.57
N PHE A 117 13.09 5.64 7.60
CA PHE A 117 13.43 6.84 8.34
C PHE A 117 12.78 6.88 9.73
N GLY A 118 11.86 5.98 10.04
CA GLY A 118 11.25 6.01 11.36
C GLY A 118 9.91 6.73 11.38
N ALA A 119 8.98 6.23 12.19
CA ALA A 119 7.71 6.89 12.40
C ALA A 119 7.18 6.51 13.78
N GLN A 120 6.59 7.47 14.48
CA GLN A 120 5.95 7.15 15.76
C GLN A 120 4.78 6.21 15.54
N SER A 121 4.13 6.34 14.38
CA SER A 121 2.88 5.67 14.06
C SER A 121 2.71 5.68 12.55
N VAL A 122 2.30 4.55 12.00
CA VAL A 122 1.89 4.42 10.62
C VAL A 122 0.44 3.98 10.63
N PHE A 123 -0.43 4.67 9.89
CA PHE A 123 -1.82 4.29 10.02
C PHE A 123 -2.59 4.57 8.73
N HIS A 124 -3.76 3.97 8.67
CA HIS A 124 -4.68 4.00 7.53
C HIS A 124 -6.08 4.29 8.07
N VAL A 125 -6.91 4.90 7.23
CA VAL A 125 -8.21 5.39 7.67
C VAL A 125 -9.28 4.87 6.72
N LEU A 126 -10.26 4.15 7.26
CA LEU A 126 -11.43 3.69 6.55
C LEU A 126 -12.65 4.46 7.03
N ALA A 127 -13.50 4.88 6.08
CA ALA A 127 -14.69 5.67 6.37
C ALA A 127 -15.86 5.02 5.65
N ASP A 128 -16.89 4.68 6.43
CA ASP A 128 -18.05 3.96 5.89
C ASP A 128 -18.59 4.61 4.62
N ASN A 129 -18.76 5.93 4.63
CA ASN A 129 -19.46 6.62 3.56
C ASN A 129 -18.58 7.64 2.84
N ASN A 130 -17.28 7.62 3.10
CA ASN A 130 -16.34 8.45 2.36
C ASN A 130 -16.77 9.91 2.35
N PRO A 131 -16.78 10.58 3.50
CA PRO A 131 -17.10 12.02 3.52
C PRO A 131 -16.39 12.83 2.45
N ARG A 132 -17.11 13.77 1.79
CA ARG A 132 -16.51 14.63 0.79
C ARG A 132 -16.21 16.02 1.30
N ASN A 133 -16.65 16.33 2.51
CA ASN A 133 -16.47 17.66 3.08
C ASN A 133 -16.36 17.52 4.59
N ILE A 134 -16.02 18.63 5.23
CA ILE A 134 -15.72 18.64 6.65
C ILE A 134 -16.95 18.27 7.49
N GLU A 135 -18.13 18.83 7.19
CA GLU A 135 -19.16 18.41 8.14
C GLU A 135 -19.66 17.00 7.91
N GLU A 136 -19.54 16.44 6.70
CA GLU A 136 -19.75 15.01 6.59
C GLU A 136 -18.78 14.22 7.45
N MET A 137 -17.53 14.65 7.50
CA MET A 137 -16.57 13.92 8.33
C MET A 137 -16.90 14.06 9.81
N PHE A 138 -17.31 15.25 10.23
CA PHE A 138 -17.68 15.38 11.63
C PHE A 138 -18.93 14.57 11.96
N ASP A 139 -19.87 14.42 11.01
CA ASP A 139 -20.98 13.49 11.22
C ASP A 139 -20.50 12.05 11.35
N ALA A 140 -19.62 11.62 10.44
CA ALA A 140 -19.10 10.26 10.53
C ALA A 140 -18.35 10.05 11.83
N LEU A 141 -17.55 11.02 12.23
CA LEU A 141 -16.81 10.90 13.49
C LEU A 141 -17.78 10.71 14.65
N GLN A 142 -18.88 11.48 14.66
CA GLN A 142 -19.87 11.32 15.72
C GLN A 142 -20.46 9.92 15.75
N LYS A 143 -20.70 9.31 14.58
CA LYS A 143 -21.46 8.08 14.55
C LYS A 143 -20.56 6.85 14.47
N GLY A 144 -19.28 6.99 14.83
CA GLY A 144 -18.35 5.87 14.75
C GLY A 144 -18.10 5.38 13.33
N GLN A 145 -18.23 6.25 12.34
CA GLN A 145 -18.18 5.84 10.94
C GLN A 145 -16.79 5.97 10.34
N ILE A 146 -15.77 6.33 11.13
CA ILE A 146 -14.39 6.45 10.67
C ILE A 146 -13.50 5.55 11.51
N HIS A 147 -12.74 4.69 10.85
CA HIS A 147 -11.99 3.64 11.53
C HIS A 147 -10.51 3.87 11.28
N PHE A 148 -9.76 4.10 12.35
CA PHE A 148 -8.32 4.32 12.24
C PHE A 148 -7.62 2.99 12.46
N ILE A 149 -6.73 2.63 11.54
CA ILE A 149 -6.01 1.36 11.60
C ILE A 149 -4.56 1.66 11.91
N GLU A 150 -4.14 1.36 13.14
CA GLU A 150 -2.75 1.58 13.50
C GLU A 150 -1.95 0.39 13.02
N MET A 151 -0.90 0.67 12.24
CA MET A 151 -0.14 -0.39 11.62
C MET A 151 1.27 -0.53 12.20
N GLY A 152 1.72 0.41 13.03
CA GLY A 152 2.86 0.13 13.88
C GLY A 152 3.97 1.15 13.90
N TYR A 153 4.65 1.22 15.03
CA TYR A 153 5.78 2.11 15.23
C TYR A 153 6.92 1.61 14.33
N GLU A 154 7.73 2.52 13.78
CA GLU A 154 8.93 2.17 13.00
C GLU A 154 10.13 2.91 13.56
N PRO A 155 11.16 2.21 14.06
CA PRO A 155 12.32 2.94 14.60
C PRO A 155 13.17 3.64 13.53
N GLY A 156 13.18 3.14 12.28
CA GLY A 156 14.11 3.66 11.24
C GLY A 156 15.59 3.45 11.63
N TRP A 157 16.50 4.18 10.94
CA TRP A 157 17.93 3.85 10.90
C TRP A 157 18.84 4.98 11.41
N ALA A 158 19.90 5.32 10.63
CA ALA A 158 20.73 6.54 10.65
C ALA A 158 20.69 7.21 9.27
N ALA A 159 19.73 6.83 8.45
CA ALA A 159 19.31 7.62 7.31
C ALA A 159 18.74 8.96 7.73
N LEU A 160 18.15 9.09 8.94
CA LEU A 160 17.69 10.40 9.40
C LEU A 160 18.78 11.43 9.36
N ARG A 161 20.02 11.00 9.62
CA ARG A 161 21.16 11.91 9.70
C ARG A 161 21.35 12.67 8.39
N ARG A 162 20.81 12.19 7.28
CA ARG A 162 20.96 12.89 6.01
C ARG A 162 20.37 14.29 6.11
N LEU A 163 21.19 15.31 5.77
CA LEU A 163 20.96 16.75 6.03
C LEU A 163 19.51 17.18 5.94
N SER B 2 12.95 -21.25 -10.01
CA SER B 2 11.67 -21.47 -9.32
C SER B 2 10.98 -20.11 -9.20
N ARG B 3 10.41 -19.67 -10.32
CA ARG B 3 9.73 -18.39 -10.39
C ARG B 3 8.43 -18.47 -9.61
N VAL B 4 8.36 -17.74 -8.50
CA VAL B 4 7.22 -17.76 -7.60
C VAL B 4 6.68 -16.34 -7.49
N LEU B 5 5.39 -16.18 -7.78
CA LEU B 5 4.70 -14.91 -7.64
C LEU B 5 3.85 -14.97 -6.39
N LEU B 6 4.01 -14.00 -5.51
CA LEU B 6 3.12 -13.84 -4.36
C LEU B 6 2.26 -12.61 -4.59
N CYS B 7 0.94 -12.77 -4.47
CA CYS B 7 -0.01 -11.71 -4.80
C CYS B 7 -0.96 -11.46 -3.63
N SER B 8 -1.11 -10.21 -3.23
CA SER B 8 -2.26 -9.86 -2.40
C SER B 8 -3.48 -9.64 -3.28
N ALA B 9 -4.62 -10.11 -2.82
CA ALA B 9 -5.87 -9.94 -3.53
C ALA B 9 -6.89 -9.23 -2.65
N GLY B 10 -7.76 -8.47 -3.29
CA GLY B 10 -8.91 -7.96 -2.60
C GLY B 10 -10.16 -8.50 -3.24
N HIS B 11 -11.04 -7.57 -3.62
CA HIS B 11 -12.31 -7.92 -4.23
C HIS B 11 -12.27 -7.85 -5.76
N SER B 12 -11.11 -7.51 -6.36
CA SER B 12 -10.91 -7.58 -7.81
C SER B 12 -9.90 -8.69 -8.12
N SER B 13 -10.40 -9.92 -8.28
CA SER B 13 -9.53 -11.07 -8.55
C SER B 13 -8.75 -10.95 -9.85
N MET B 14 -9.09 -9.99 -10.72
CA MET B 14 -8.44 -9.89 -12.03
C MET B 14 -7.02 -9.36 -11.93
N VAL B 15 -6.60 -8.87 -10.77
CA VAL B 15 -5.22 -8.41 -10.66
C VAL B 15 -4.26 -9.59 -10.76
N VAL B 16 -4.71 -10.79 -10.37
CA VAL B 16 -3.81 -11.96 -10.29
C VAL B 16 -3.51 -12.55 -11.67
N PRO B 17 -4.49 -12.82 -12.54
CA PRO B 17 -4.12 -13.19 -13.92
C PRO B 17 -3.27 -12.14 -14.59
N GLU B 18 -3.55 -10.86 -14.34
CA GLU B 18 -2.73 -9.80 -14.91
C GLU B 18 -1.32 -9.87 -14.39
N ALA B 19 -1.17 -10.01 -13.06
CA ALA B 19 0.14 -10.13 -12.46
C ALA B 19 0.92 -11.29 -13.08
N PHE B 20 0.22 -12.38 -13.41
CA PHE B 20 0.87 -13.55 -13.99
C PHE B 20 1.56 -13.21 -15.30
N HIS B 21 1.08 -12.18 -16.00
CA HIS B 21 1.68 -11.77 -17.26
C HIS B 21 2.67 -10.63 -17.09
N ALA B 22 3.12 -10.37 -15.85
CA ALA B 22 4.12 -9.33 -15.66
C ALA B 22 5.47 -9.70 -16.28
N VAL B 23 5.68 -10.96 -16.61
CA VAL B 23 6.94 -11.42 -17.18
C VAL B 23 6.56 -12.42 -18.28
N PRO B 24 7.20 -12.39 -19.45
CA PRO B 24 6.73 -13.23 -20.55
C PRO B 24 6.90 -14.70 -20.26
N GLU B 25 7.97 -15.09 -19.57
CA GLU B 25 8.15 -16.50 -19.20
C GLU B 25 6.95 -17.04 -18.43
N GLY B 26 6.27 -16.20 -17.66
CA GLY B 26 5.25 -16.66 -16.74
C GLY B 26 5.85 -16.98 -15.39
N PHE B 27 5.10 -17.72 -14.58
CA PHE B 27 5.53 -18.08 -13.23
C PHE B 27 5.29 -19.57 -13.03
N GLU B 28 6.21 -20.22 -12.31
CA GLU B 28 5.98 -21.62 -12.00
C GLU B 28 4.99 -21.79 -10.87
N GLU B 29 4.95 -20.85 -9.93
CA GLU B 29 4.03 -20.91 -8.81
C GLU B 29 3.38 -19.54 -8.66
N VAL B 30 2.10 -19.54 -8.30
CA VAL B 30 1.36 -18.32 -7.97
C VAL B 30 0.59 -18.57 -6.68
N HIS B 31 0.86 -17.77 -5.66
CA HIS B 31 0.18 -17.89 -4.39
C HIS B 31 -0.47 -16.57 -4.04
N VAL B 32 -1.74 -16.63 -3.63
CA VAL B 32 -2.53 -15.44 -3.34
C VAL B 32 -2.87 -15.41 -1.85
N PHE B 33 -2.75 -14.24 -1.25
CA PHE B 33 -3.19 -14.00 0.13
C PHE B 33 -4.34 -13.00 0.13
N THR B 34 -5.41 -13.31 0.86
CA THR B 34 -6.55 -12.38 0.94
C THR B 34 -7.25 -12.54 2.29
N THR B 35 -8.14 -11.58 2.57
CA THR B 35 -9.06 -11.70 3.68
C THR B 35 -10.07 -12.80 3.37
N ASP B 36 -10.75 -13.35 4.38
CA ASP B 36 -11.91 -14.16 4.01
C ASP B 36 -13.18 -13.34 4.19
N SER B 37 -13.29 -12.38 3.27
CA SER B 37 -14.54 -11.72 2.98
C SER B 37 -15.32 -12.55 1.98
N GLU B 38 -16.64 -12.53 2.11
CA GLU B 38 -17.44 -13.24 1.13
C GLU B 38 -17.43 -12.55 -0.22
N LYS B 39 -17.03 -11.28 -0.28
CA LYS B 39 -16.87 -10.60 -1.56
C LYS B 39 -15.69 -11.11 -2.35
N PHE B 40 -14.68 -11.70 -1.70
CA PHE B 40 -13.58 -12.29 -2.45
C PHE B 40 -14.12 -13.38 -3.37
N ASN B 41 -13.73 -13.36 -4.63
CA ASN B 41 -14.23 -14.34 -5.59
C ASN B 41 -13.11 -15.01 -6.37
N PRO B 42 -12.91 -16.32 -6.22
CA PRO B 42 -11.86 -17.03 -6.96
C PRO B 42 -12.31 -17.65 -8.28
N VAL B 43 -13.57 -17.47 -8.70
CA VAL B 43 -14.07 -18.12 -9.90
C VAL B 43 -13.16 -17.84 -11.10
N VAL B 44 -12.82 -16.58 -11.32
CA VAL B 44 -11.95 -16.28 -12.44
C VAL B 44 -10.57 -16.83 -12.18
N LEU B 45 -10.18 -16.99 -10.91
CA LEU B 45 -8.87 -17.53 -10.62
C LEU B 45 -8.84 -19.03 -10.86
N ASN B 46 -9.92 -19.72 -10.46
CA ASN B 46 -10.01 -21.15 -10.67
C ASN B 46 -9.92 -21.49 -12.14
N ASP B 47 -10.79 -20.89 -12.95
CA ASP B 47 -10.81 -21.21 -14.39
C ASP B 47 -9.48 -20.86 -15.04
N PHE B 48 -8.89 -19.72 -14.68
CA PHE B 48 -7.65 -19.30 -15.32
C PHE B 48 -6.52 -20.29 -15.07
N PHE B 49 -6.31 -20.65 -13.80
CA PHE B 49 -5.19 -21.52 -13.47
C PHE B 49 -5.51 -22.99 -13.69
N HIS B 50 -6.79 -23.35 -13.71
CA HIS B 50 -7.15 -24.69 -14.17
C HIS B 50 -6.77 -24.85 -15.64
N SER B 51 -6.65 -23.74 -16.37
CA SER B 51 -6.15 -23.75 -17.74
C SER B 51 -4.64 -23.75 -17.84
N LEU B 52 -3.93 -23.63 -16.71
CA LEU B 52 -2.47 -23.70 -16.69
C LEU B 52 -2.08 -24.80 -15.71
N PRO B 53 -2.22 -26.06 -16.09
CA PRO B 53 -2.06 -27.16 -15.12
C PRO B 53 -0.65 -27.34 -14.60
N ASN B 54 0.35 -26.71 -15.22
CA ASN B 54 1.73 -26.79 -14.76
C ASN B 54 2.08 -25.72 -13.73
N VAL B 55 1.11 -24.91 -13.32
CA VAL B 55 1.31 -23.84 -12.37
C VAL B 55 0.81 -24.31 -11.01
N ARG B 56 1.66 -24.27 -9.99
CA ARG B 56 1.17 -24.53 -8.64
C ARG B 56 0.46 -23.27 -8.14
N PHE B 57 -0.84 -23.40 -7.87
CA PHE B 57 -1.69 -22.27 -7.49
C PHE B 57 -2.37 -22.55 -6.15
N SER B 58 -2.41 -21.52 -5.30
CA SER B 58 -2.96 -21.64 -3.96
C SER B 58 -3.59 -20.32 -3.52
N ILE B 59 -4.72 -20.42 -2.84
CA ILE B 59 -5.40 -19.29 -2.20
C ILE B 59 -5.27 -19.47 -0.69
N THR B 60 -4.82 -18.44 0.00
CA THR B 60 -4.67 -18.50 1.44
C THR B 60 -5.45 -17.34 2.02
N LYS B 61 -6.31 -17.62 3.00
CA LYS B 61 -7.10 -16.59 3.65
C LYS B 61 -6.57 -16.33 5.07
N CYS B 62 -6.84 -15.13 5.55
CA CYS B 62 -6.61 -14.76 6.95
C CYS B 62 -7.86 -15.14 7.72
N HIS B 63 -7.82 -16.31 8.36
CA HIS B 63 -9.03 -16.98 8.83
C HIS B 63 -9.81 -16.10 9.81
N GLY B 64 -11.11 -15.92 9.54
CA GLY B 64 -11.99 -15.22 10.44
C GLY B 64 -12.02 -13.70 10.29
N LEU B 65 -11.14 -13.12 9.50
CA LEU B 65 -11.04 -11.67 9.37
C LEU B 65 -11.42 -11.28 7.95
N ALA B 66 -12.58 -10.66 7.80
CA ALA B 66 -13.10 -10.22 6.52
C ALA B 66 -12.74 -8.78 6.21
N ASP B 67 -12.63 -7.93 7.23
CA ASP B 67 -12.35 -6.53 7.05
C ASP B 67 -11.42 -6.07 8.15
N ILE B 68 -10.29 -5.48 7.78
CA ILE B 68 -9.43 -4.82 8.76
C ILE B 68 -10.03 -3.46 9.08
N LEU B 69 -10.43 -3.26 10.35
CA LEU B 69 -10.92 -1.97 10.80
C LEU B 69 -10.17 -1.37 11.98
N ASN B 70 -9.27 -2.11 12.62
CA ASN B 70 -8.56 -1.55 13.76
C ASN B 70 -7.18 -2.20 13.89
N GLU B 71 -6.47 -1.78 14.92
CA GLU B 71 -5.13 -2.28 15.19
C GLU B 71 -5.11 -3.79 15.35
N ARG B 72 -5.99 -4.36 16.18
CA ARG B 72 -5.98 -5.81 16.40
C ARG B 72 -6.16 -6.56 15.09
N ASP B 73 -7.15 -6.14 14.30
CA ASP B 73 -7.36 -6.74 12.98
C ASP B 73 -6.08 -6.73 12.19
N PHE B 74 -5.45 -5.57 12.12
CA PHE B 74 -4.27 -5.43 11.28
C PHE B 74 -3.12 -6.30 11.77
N GLU B 75 -2.80 -6.24 13.08
CA GLU B 75 -1.68 -7.08 13.55
C GLU B 75 -1.95 -8.55 13.31
N PHE B 76 -3.20 -8.99 13.39
CA PHE B 76 -3.51 -10.36 13.00
C PHE B 76 -3.28 -10.56 11.50
N TYR B 77 -3.79 -9.65 10.68
CA TYR B 77 -3.59 -9.80 9.24
C TYR B 77 -2.11 -9.94 8.92
N GLN B 78 -1.31 -9.06 9.49
CA GLN B 78 0.11 -8.96 9.17
C GLN B 78 0.86 -10.19 9.69
N GLU B 79 0.47 -10.72 10.84
CA GLU B 79 1.15 -11.92 11.32
C GLU B 79 0.92 -13.10 10.38
N MET B 80 -0.34 -13.32 9.97
CA MET B 80 -0.69 -14.41 9.07
C MET B 80 -0.11 -14.20 7.66
N LEU B 81 -0.06 -12.95 7.20
CA LEU B 81 0.58 -12.65 5.91
C LEU B 81 2.06 -13.04 5.93
N TRP B 82 2.79 -12.63 6.97
CA TRP B 82 4.24 -12.83 6.98
C TRP B 82 4.58 -14.31 7.13
N GLN B 83 3.77 -15.05 7.91
CA GLN B 83 3.90 -16.49 7.93
C GLN B 83 3.71 -17.08 6.56
N TRP B 84 2.73 -16.56 5.81
CA TRP B 84 2.45 -17.05 4.46
C TRP B 84 3.62 -16.75 3.54
N TYR B 85 4.13 -15.51 3.58
CA TYR B 85 5.28 -15.12 2.78
C TYR B 85 6.47 -16.07 2.98
N LEU B 86 6.91 -16.21 4.24
CA LEU B 86 8.01 -17.14 4.55
C LEU B 86 7.71 -18.56 4.06
N THR B 87 6.46 -19.02 4.22
CA THR B 87 6.13 -20.38 3.84
C THR B 87 6.21 -20.58 2.32
N LYS B 88 5.72 -19.60 1.55
CA LYS B 88 5.57 -19.76 0.11
C LYS B 88 6.77 -19.29 -0.69
N MET B 89 7.54 -18.36 -0.16
CA MET B 89 8.77 -17.94 -0.81
C MET B 89 9.70 -19.14 -1.00
N PRO B 90 10.36 -19.26 -2.14
CA PRO B 90 11.16 -20.46 -2.42
C PRO B 90 12.49 -20.38 -1.70
N ASP B 91 13.17 -21.53 -1.65
CA ASP B 91 14.36 -21.63 -0.80
C ASP B 91 15.62 -21.08 -1.44
N ASN B 92 15.77 -21.21 -2.75
CA ASN B 92 17.05 -20.87 -3.37
C ASN B 92 16.89 -19.73 -4.35
N GLU B 93 16.07 -18.75 -3.98
CA GLU B 93 15.63 -17.74 -4.92
C GLU B 93 14.60 -16.80 -4.29
N LEU B 94 14.71 -15.48 -4.54
CA LEU B 94 13.75 -14.53 -4.00
C LEU B 94 12.45 -14.57 -4.81
N PRO B 95 11.30 -14.36 -4.17
CA PRO B 95 10.02 -14.40 -4.89
C PRO B 95 9.76 -13.09 -5.65
N TYR B 96 8.77 -13.15 -6.55
CA TYR B 96 8.17 -11.96 -7.16
C TYR B 96 6.88 -11.65 -6.43
N VAL B 97 6.62 -10.38 -6.15
CA VAL B 97 5.46 -10.05 -5.34
C VAL B 97 4.69 -8.89 -5.95
N CYS B 98 3.40 -9.12 -6.15
CA CYS B 98 2.48 -8.10 -6.63
C CYS B 98 1.58 -7.67 -5.48
N LEU B 99 1.62 -6.38 -5.14
CA LEU B 99 0.88 -5.84 -4.01
C LEU B 99 -0.39 -5.10 -4.44
N SER B 100 -0.99 -5.49 -5.55
CA SER B 100 -2.07 -4.70 -6.12
C SER B 100 -3.39 -4.84 -5.35
N GLY B 101 -3.70 -6.02 -4.85
CA GLY B 101 -5.03 -6.29 -4.33
C GLY B 101 -5.15 -5.88 -2.87
N GLY B 102 -6.32 -5.37 -2.51
CA GLY B 102 -6.69 -5.20 -1.12
C GLY B 102 -6.82 -3.73 -0.73
N ILE B 103 -7.16 -3.54 0.55
CA ILE B 103 -7.10 -2.19 1.11
C ILE B 103 -5.64 -1.77 1.22
N LYS B 104 -5.40 -0.47 1.41
CA LYS B 104 -4.05 0.06 1.45
C LYS B 104 -3.18 -0.65 2.48
N SER B 105 -3.75 -1.01 3.64
CA SER B 105 -2.95 -1.66 4.69
C SER B 105 -2.43 -2.99 4.22
N MET B 106 -3.19 -3.70 3.37
CA MET B 106 -2.77 -4.97 2.82
C MET B 106 -1.58 -4.79 1.88
N SER B 107 -1.68 -3.83 0.94
CA SER B 107 -0.53 -3.54 0.08
C SER B 107 0.69 -3.09 0.87
N ALA B 108 0.52 -2.22 1.85
CA ALA B 108 1.68 -1.75 2.61
C ALA B 108 2.31 -2.86 3.44
N SER B 109 1.50 -3.78 3.98
CA SER B 109 2.10 -4.87 4.76
C SER B 109 2.88 -5.83 3.87
N LEU B 110 2.41 -6.06 2.64
CA LEU B 110 3.17 -6.94 1.75
C LEU B 110 4.43 -6.24 1.24
N GLN B 111 4.38 -4.93 1.05
CA GLN B 111 5.59 -4.17 0.72
C GLN B 111 6.62 -4.32 1.84
N LYS B 112 6.18 -4.15 3.09
CA LYS B 112 7.08 -4.26 4.21
C LYS B 112 7.64 -5.68 4.34
N ALA B 113 6.80 -6.71 4.08
CA ALA B 113 7.31 -8.08 4.14
C ALA B 113 8.38 -8.31 3.08
N ALA B 114 8.16 -7.78 1.89
CA ALA B 114 9.15 -7.86 0.81
C ALA B 114 10.45 -7.14 1.20
N THR B 115 10.35 -6.02 1.90
CA THR B 115 11.56 -5.35 2.33
C THR B 115 12.31 -6.15 3.39
N LEU B 116 11.61 -6.97 4.15
CA LEU B 116 12.27 -7.70 5.23
C LEU B 116 12.84 -9.03 4.74
N PHE B 117 12.03 -9.82 4.04
CA PHE B 117 12.39 -11.16 3.64
C PHE B 117 12.99 -11.23 2.23
N GLY B 118 12.87 -10.16 1.43
CA GLY B 118 13.45 -10.19 0.10
C GLY B 118 12.49 -10.46 -1.04
N ALA B 119 12.72 -9.80 -2.18
CA ALA B 119 11.90 -10.06 -3.35
C ALA B 119 12.68 -9.70 -4.61
N GLN B 120 12.59 -10.59 -5.60
CA GLN B 120 13.24 -10.32 -6.88
C GLN B 120 12.68 -9.07 -7.52
N SER B 121 11.36 -8.87 -7.40
CA SER B 121 10.75 -7.61 -7.82
C SER B 121 9.47 -7.43 -7.01
N VAL B 122 9.17 -6.19 -6.71
CA VAL B 122 7.88 -5.80 -6.17
C VAL B 122 7.20 -4.95 -7.23
N PHE B 123 5.98 -5.30 -7.61
CA PHE B 123 5.33 -4.49 -8.62
C PHE B 123 3.85 -4.28 -8.35
N HIS B 124 3.29 -3.31 -9.09
CA HIS B 124 1.86 -2.99 -9.12
C HIS B 124 1.38 -2.91 -10.57
N VAL B 125 0.13 -3.27 -10.80
CA VAL B 125 -0.45 -3.30 -12.15
C VAL B 125 -1.60 -2.31 -12.22
N LEU B 126 -1.53 -1.42 -13.20
CA LEU B 126 -2.61 -0.49 -13.52
C LEU B 126 -3.19 -0.85 -14.89
N ALA B 127 -4.51 -0.90 -15.00
CA ALA B 127 -5.21 -1.26 -16.22
C ALA B 127 -6.09 -0.10 -16.66
N ASP B 128 -5.94 0.34 -17.94
CA ASP B 128 -6.73 1.46 -18.45
C ASP B 128 -8.21 1.29 -18.15
N ASN B 129 -8.72 0.07 -18.30
CA ASN B 129 -10.16 -0.16 -18.28
C ASN B 129 -10.55 -1.25 -17.30
N ASN B 130 -9.63 -1.66 -16.41
CA ASN B 130 -9.93 -2.69 -15.41
C ASN B 130 -10.66 -3.89 -16.00
N PRO B 131 -9.96 -4.73 -16.79
CA PRO B 131 -10.56 -5.97 -17.30
C PRO B 131 -11.39 -6.71 -16.28
N ARG B 132 -12.61 -7.08 -16.66
CA ARG B 132 -13.51 -7.81 -15.78
C ARG B 132 -13.37 -9.31 -15.93
N ASN B 133 -12.65 -9.77 -16.95
CA ASN B 133 -12.67 -11.16 -17.35
C ASN B 133 -11.34 -11.50 -18.02
N ILE B 134 -11.01 -12.79 -18.09
CA ILE B 134 -9.78 -13.20 -18.77
C ILE B 134 -9.72 -12.63 -20.19
N GLU B 135 -10.81 -12.81 -20.95
CA GLU B 135 -10.77 -12.38 -22.35
C GLU B 135 -10.54 -10.88 -22.46
N GLU B 136 -11.15 -10.07 -21.59
CA GLU B 136 -10.82 -8.65 -21.72
C GLU B 136 -9.42 -8.32 -21.26
N MET B 137 -8.84 -9.16 -20.41
CA MET B 137 -7.42 -8.96 -19.99
C MET B 137 -6.52 -9.20 -21.20
N PHE B 138 -6.77 -10.30 -21.87
CA PHE B 138 -6.00 -10.64 -23.07
C PHE B 138 -6.18 -9.58 -24.16
N ASP B 139 -7.39 -9.08 -24.34
CA ASP B 139 -7.60 -7.90 -25.18
C ASP B 139 -6.73 -6.73 -24.75
N ALA B 140 -6.76 -6.41 -23.45
CA ALA B 140 -6.04 -5.25 -22.96
C ALA B 140 -4.53 -5.39 -23.12
N LEU B 141 -3.99 -6.59 -22.95
CA LEU B 141 -2.54 -6.62 -23.06
C LEU B 141 -2.08 -6.67 -24.52
N GLN B 142 -2.96 -7.07 -25.45
CA GLN B 142 -2.68 -6.85 -26.88
C GLN B 142 -2.59 -5.37 -27.20
N LYS B 143 -3.53 -4.57 -26.68
CA LYS B 143 -3.54 -3.13 -26.93
C LYS B 143 -2.54 -2.37 -26.05
N GLY B 144 -1.83 -3.05 -25.16
CA GLY B 144 -0.91 -2.37 -24.27
C GLY B 144 -1.57 -1.49 -23.22
N GLN B 145 -2.74 -1.88 -22.73
CA GLN B 145 -3.48 -1.07 -21.75
C GLN B 145 -3.34 -1.59 -20.33
N ILE B 146 -2.47 -2.59 -20.12
CA ILE B 146 -1.97 -3.00 -18.81
C ILE B 146 -0.57 -2.47 -18.58
N HIS B 147 -0.37 -1.74 -17.48
CA HIS B 147 0.91 -1.11 -17.19
C HIS B 147 1.47 -1.72 -15.91
N PHE B 148 2.65 -2.29 -16.03
CA PHE B 148 3.34 -2.90 -14.90
C PHE B 148 4.32 -1.87 -14.34
N ILE B 149 4.20 -1.58 -13.05
CA ILE B 149 5.08 -0.63 -12.36
C ILE B 149 6.05 -1.44 -11.53
N GLU B 150 7.31 -1.47 -11.94
CA GLU B 150 8.38 -2.05 -11.13
C GLU B 150 8.81 -1.04 -10.08
N MET B 151 8.69 -1.41 -8.82
CA MET B 151 9.04 -0.50 -7.75
C MET B 151 10.26 -0.95 -6.94
N GLY B 152 10.96 -2.00 -7.38
CA GLY B 152 12.30 -2.23 -6.88
C GLY B 152 12.61 -3.64 -6.42
N TYR B 153 13.84 -4.09 -6.70
CA TYR B 153 14.41 -5.25 -6.04
C TYR B 153 14.53 -4.99 -4.55
N GLU B 154 14.29 -6.02 -3.74
CA GLU B 154 14.67 -5.99 -2.33
C GLU B 154 15.49 -7.20 -1.93
N PRO B 155 16.70 -6.99 -1.40
CA PRO B 155 17.51 -8.12 -0.94
C PRO B 155 16.92 -8.79 0.29
N GLY B 156 16.29 -8.02 1.17
CA GLY B 156 15.90 -8.60 2.42
C GLY B 156 17.12 -8.83 3.28
N TRP B 157 16.91 -9.66 4.30
CA TRP B 157 17.93 -9.94 5.31
C TRP B 157 17.95 -11.43 5.50
N ALA B 158 19.14 -12.04 5.35
CA ALA B 158 19.23 -13.48 5.50
C ALA B 158 18.74 -13.91 6.87
N ALA B 159 19.04 -13.13 7.92
CA ALA B 159 18.61 -13.49 9.27
C ALA B 159 17.09 -13.46 9.41
N LEU B 160 16.40 -12.66 8.59
CA LEU B 160 14.94 -12.66 8.66
C LEU B 160 14.36 -13.80 7.84
N ARG B 161 14.98 -14.16 6.71
CA ARG B 161 14.53 -15.34 5.99
C ARG B 161 14.65 -16.59 6.84
N ARG B 162 15.60 -16.59 7.79
CA ARG B 162 15.84 -17.76 8.62
C ARG B 162 14.69 -18.01 9.59
N LEU B 163 13.79 -17.04 9.77
CA LEU B 163 12.56 -17.26 10.52
C LEU B 163 11.74 -18.38 9.91
N LYS B 164 11.99 -18.73 8.66
CA LYS B 164 11.29 -19.85 8.07
C LYS B 164 11.50 -21.13 8.88
N LYS B 165 12.62 -21.23 9.60
CA LYS B 165 12.92 -22.39 10.43
C LYS B 165 11.92 -22.61 11.56
N ILE B 166 11.29 -21.53 12.04
CA ILE B 166 10.37 -21.69 13.17
C ILE B 166 9.02 -22.23 12.74
N LEU B 167 8.75 -22.30 11.44
CA LEU B 167 7.46 -22.63 10.87
C LEU B 167 7.37 -24.10 10.53
N PRO B 168 6.17 -24.69 10.54
CA PRO B 168 5.95 -26.07 10.08
C PRO B 168 5.91 -26.17 8.57
#